data_7IFL
#
_entry.id   7IFL
#
_cell.length_a   45.210
_cell.length_b   73.220
_cell.length_c   52.320
_cell.angle_alpha   90.00
_cell.angle_beta   109.31
_cell.angle_gamma   90.00
#
_symmetry.space_group_name_H-M   'P 1 21 1'
#
loop_
_entity.id
_entity.type
_entity.pdbx_description
1 polymer Endothiapepsin
2 non-polymer 3-fluoro-N-{(1R)-1-[(3P)-3-(1H-imidazol-1-yl)phenyl]ethyl}propan-1-amine
3 water water
#
_entity_poly.entity_id   1
_entity_poly.type   'polypeptide(L)'
_entity_poly.pdbx_seq_one_letter_code
;STGSATTTPIDSLDDAYITPVQIGTPAQTLNLDFDTGSSDLWVFSSETTASEVDGQTIYTPSKSTTAKLLSGATWSISYG
DGSSSSGDVYTDTVSVGGLTVTGQAVESAKKVSSSFTEDSTIDGLLGLAFSTLNTVSPTQQKTFFDNAKASLDSPVFTAD
LGYHAPGTYNFGFIDTTAYTGSITYTAVSTKQGFWEWTSTGYAVGSGTFKSTSIDGIADTGTTLLYLPATVVSAYWAQVS
GAKSSSSVGGYVFPCSATLPSFTFGVGSARIVIPGDYIDFGPISTGSSSCFGGIQSSAGIGINIFGDVALKAAFVVFNGA
TTPTLGFASK
;
_entity_poly.pdbx_strand_id   A
#
loop_
_chem_comp.id
_chem_comp.type
_chem_comp.name
_chem_comp.formula
A1CGT non-polymer 3-fluoro-N-{(1R)-1-[(3P)-3-(1H-imidazol-1-yl)phenyl]ethyl}propan-1-amine 'C14 H18 F N3'
#
# COMPACT_ATOMS: atom_id res chain seq x y z
N SER A 1 -20.16 -2.02 14.04
CA SER A 1 -18.98 -1.28 14.57
C SER A 1 -18.31 -0.54 13.41
N THR A 2 -17.51 0.44 13.76
CA THR A 2 -16.64 1.17 12.79
C THR A 2 -15.29 1.41 13.44
N GLY A 3 -14.29 1.74 12.61
CA GLY A 3 -13.03 2.30 13.11
C GLY A 3 -12.57 3.39 12.17
N SER A 4 -11.77 4.30 12.66
CA SER A 4 -11.23 5.43 11.91
C SER A 4 -9.86 5.78 12.44
N ALA A 5 -8.82 5.71 11.65
CA ALA A 5 -7.45 5.98 12.10
C ALA A 5 -6.79 6.90 11.10
N THR A 6 -5.96 7.81 11.58
CA THR A 6 -5.16 8.67 10.73
C THR A 6 -3.92 7.93 10.26
N THR A 7 -3.58 8.12 8.98
CA THR A 7 -2.39 7.54 8.36
C THR A 7 -1.47 8.71 7.95
N THR A 8 -0.17 8.56 8.20
CA THR A 8 0.78 9.70 8.15
C THR A 8 1.94 9.29 7.27
N PRO A 9 2.37 10.11 6.29
N PRO A 9 2.35 10.11 6.26
N PRO A 9 2.37 10.11 6.29
N PRO A 9 2.35 10.11 6.26
CA PRO A 9 3.52 9.78 5.47
CA PRO A 9 3.55 9.80 5.50
CA PRO A 9 3.52 9.78 5.47
CA PRO A 9 3.55 9.80 5.50
C PRO A 9 4.77 9.63 6.35
C PRO A 9 4.77 9.62 6.39
C PRO A 9 4.77 9.63 6.35
C PRO A 9 4.77 9.61 6.39
N ILE A 10 5.64 8.68 6.04
N ILE A 10 5.64 8.67 6.04
N ILE A 10 5.63 8.66 6.04
N ILE A 10 5.64 8.67 6.04
CA ILE A 10 6.86 8.42 6.85
CA ILE A 10 6.86 8.42 6.85
CA ILE A 10 6.87 8.39 6.83
CA ILE A 10 6.87 8.39 6.83
C ILE A 10 7.93 9.46 6.56
C ILE A 10 7.93 9.46 6.56
C ILE A 10 7.97 9.41 6.53
C ILE A 10 7.97 9.41 6.53
N ASP A 11 7.86 10.16 5.44
N ASP A 11 7.86 10.16 5.44
N ASP A 11 7.86 10.16 5.44
N ASP A 11 7.86 10.16 5.44
CA ASP A 11 8.94 11.09 5.02
CA ASP A 11 8.94 11.09 5.02
CA ASP A 11 8.94 11.08 5.03
CA ASP A 11 8.94 11.08 5.03
C ASP A 11 8.35 12.12 4.06
C ASP A 11 8.35 12.12 4.06
C ASP A 11 8.35 12.11 4.07
C ASP A 11 8.35 12.11 4.07
N SER A 12 9.19 13.05 3.62
CA SER A 12 8.77 14.20 2.81
C SER A 12 8.37 13.77 1.39
N LEU A 13 8.61 12.53 1.02
CA LEU A 13 8.28 12.05 -0.35
C LEU A 13 7.02 11.20 -0.37
N ASP A 14 6.39 10.95 0.76
CA ASP A 14 5.27 9.98 0.87
C ASP A 14 5.72 8.60 0.38
N ASP A 15 6.91 8.17 0.79
N ASP A 15 6.91 8.17 0.79
N ASP A 15 6.88 8.13 0.83
N ASP A 15 6.88 8.13 0.83
CA ASP A 15 7.42 6.83 0.38
CA ASP A 15 7.42 6.83 0.38
CA ASP A 15 7.36 6.79 0.38
CA ASP A 15 7.36 6.79 0.38
C ASP A 15 6.51 5.71 0.91
C ASP A 15 6.51 5.71 0.91
C ASP A 15 6.43 5.69 0.88
C ASP A 15 6.43 5.69 0.88
N ALA A 16 5.84 5.96 2.03
N ALA A 16 5.84 5.96 2.03
N ALA A 16 5.90 5.86 2.09
N ALA A 16 5.90 5.86 2.09
CA ALA A 16 4.89 5.02 2.65
CA ALA A 16 4.89 5.02 2.65
CA ALA A 16 4.89 4.95 2.66
CA ALA A 16 4.89 4.95 2.66
C ALA A 16 4.14 5.78 3.73
C ALA A 16 4.14 5.78 3.73
C ALA A 16 4.13 5.73 3.71
C ALA A 16 4.13 5.73 3.71
N TYR A 17 3.10 5.14 4.25
N TYR A 17 3.10 5.14 4.25
N TYR A 17 3.09 5.12 4.26
N TYR A 17 3.09 5.12 4.26
CA TYR A 17 2.21 5.72 5.28
CA TYR A 17 2.21 5.72 5.28
CA TYR A 17 2.21 5.72 5.27
CA TYR A 17 2.21 5.72 5.27
C TYR A 17 2.14 4.77 6.45
C TYR A 17 2.14 4.77 6.45
C TYR A 17 2.13 4.77 6.46
C TYR A 17 2.13 4.77 6.46
N ILE A 18 2.16 5.32 7.66
CA ILE A 18 2.05 4.54 8.89
C ILE A 18 0.77 4.91 9.62
N THR A 19 0.17 3.92 10.25
CA THR A 19 -1.10 4.03 10.97
C THR A 19 -0.92 3.38 12.32
N PRO A 20 -1.25 4.05 13.43
CA PRO A 20 -1.07 3.44 14.73
C PRO A 20 -2.08 2.30 14.93
N VAL A 21 -1.61 1.22 15.54
CA VAL A 21 -2.37 -0.01 15.77
C VAL A 21 -2.10 -0.43 17.20
N GLN A 22 -3.17 -0.70 17.94
CA GLN A 22 -3.03 -1.20 19.34
C GLN A 22 -3.01 -2.71 19.30
N ILE A 23 -2.03 -3.30 19.95
CA ILE A 23 -1.89 -4.78 19.99
C ILE A 23 -1.75 -5.20 21.45
N GLY A 24 -2.55 -6.14 21.88
CA GLY A 24 -2.31 -6.71 23.21
C GLY A 24 -3.00 -5.99 24.33
N THR A 25 -2.79 -6.54 25.53
CA THR A 25 -3.42 -6.05 26.80
C THR A 25 -2.38 -6.02 27.89
N PRO A 26 -1.99 -4.86 28.44
CA PRO A 26 -2.41 -3.52 27.99
C PRO A 26 -1.90 -3.29 26.57
N ALA A 27 -2.49 -2.27 25.93
CA ALA A 27 -2.18 -1.97 24.53
C ALA A 27 -0.69 -1.72 24.36
N GLN A 28 -0.14 -2.24 23.28
CA GLN A 28 1.16 -1.83 22.77
C GLN A 28 0.92 -1.19 21.40
N THR A 29 1.24 0.07 21.21
CA THR A 29 0.89 0.77 19.98
C THR A 29 2.11 0.73 19.08
N LEU A 30 1.91 0.15 17.88
CA LEU A 30 2.91 0.06 16.82
C LEU A 30 2.40 0.80 15.60
N ASN A 31 3.29 1.38 14.83
CA ASN A 31 2.94 2.13 13.61
C ASN A 31 3.16 1.20 12.42
N LEU A 32 2.04 0.76 11.83
CA LEU A 32 2.08 -0.27 10.77
C LEU A 32 1.77 0.36 9.43
N ASP A 33 2.39 -0.23 8.41
N ASP A 33 2.39 -0.23 8.41
N ASP A 33 2.33 -0.30 8.42
N ASP A 33 2.33 -0.30 8.42
CA ASP A 33 2.16 0.12 6.99
CA ASP A 33 2.16 0.12 6.99
CA ASP A 33 2.15 0.04 6.99
CA ASP A 33 2.15 0.04 6.99
C ASP A 33 0.98 -0.72 6.52
C ASP A 33 0.98 -0.72 6.52
C ASP A 33 0.95 -0.76 6.50
C ASP A 33 0.95 -0.76 6.50
N PHE A 34 -0.19 -0.10 6.35
N PHE A 34 -0.19 -0.10 6.35
N PHE A 34 -0.20 -0.11 6.34
N PHE A 34 -0.20 -0.11 6.34
CA PHE A 34 -1.40 -0.77 5.85
CA PHE A 34 -1.40 -0.77 5.85
CA PHE A 34 -1.42 -0.76 5.84
CA PHE A 34 -1.42 -0.76 5.84
C PHE A 34 -1.23 -1.04 4.36
C PHE A 34 -1.23 -1.04 4.36
C PHE A 34 -1.25 -1.05 4.36
C PHE A 34 -1.25 -1.05 4.36
N ASP A 35 -1.32 -2.32 4.00
N ASP A 35 -1.32 -2.32 4.00
N ASP A 35 -1.35 -2.33 4.00
N ASP A 35 -1.35 -2.33 4.00
CA ASP A 35 -0.86 -2.78 2.68
CA ASP A 35 -0.86 -2.78 2.68
CA ASP A 35 -0.87 -2.85 2.72
CA ASP A 35 -0.87 -2.85 2.72
C ASP A 35 -1.97 -3.58 2.00
C ASP A 35 -1.97 -3.58 2.00
C ASP A 35 -2.00 -3.59 2.01
C ASP A 35 -2.00 -3.59 2.01
N THR A 36 -2.72 -2.94 1.10
CA THR A 36 -3.79 -3.65 0.33
C THR A 36 -3.24 -4.62 -0.72
N GLY A 37 -1.91 -4.75 -0.82
N GLY A 37 -1.91 -4.75 -0.82
N GLY A 37 -1.92 -4.75 -0.85
N GLY A 37 -1.92 -4.75 -0.85
CA GLY A 37 -1.20 -5.70 -1.69
CA GLY A 37 -1.20 -5.70 -1.69
CA GLY A 37 -1.28 -5.71 -1.76
CA GLY A 37 -1.28 -5.71 -1.76
C GLY A 37 -0.62 -6.90 -0.96
C GLY A 37 -0.62 -6.90 -0.96
C GLY A 37 -0.81 -6.99 -1.09
C GLY A 37 -0.81 -6.99 -1.09
N SER A 38 -0.96 -7.12 0.30
N SER A 38 -0.96 -7.12 0.30
N SER A 38 -0.94 -7.11 0.24
N SER A 38 -0.94 -7.11 0.24
CA SER A 38 -0.54 -8.36 1.00
CA SER A 38 -0.54 -8.36 1.00
CA SER A 38 -0.52 -8.33 0.98
CA SER A 38 -0.52 -8.33 0.98
C SER A 38 -1.52 -8.65 2.12
C SER A 38 -1.52 -8.65 2.12
C SER A 38 -1.50 -8.65 2.11
C SER A 38 -1.50 -8.65 2.11
N SER A 39 -1.31 -9.78 2.78
CA SER A 39 -2.36 -10.32 3.66
C SER A 39 -1.84 -10.83 4.97
N ASP A 40 -0.67 -10.36 5.39
CA ASP A 40 -0.07 -10.72 6.69
C ASP A 40 -0.05 -9.48 7.58
N LEU A 41 -0.37 -9.65 8.83
CA LEU A 41 -0.14 -8.61 9.87
C LEU A 41 1.08 -9.10 10.64
N TRP A 42 2.22 -8.46 10.36
CA TRP A 42 3.48 -8.87 10.98
C TRP A 42 4.15 -7.66 11.62
N VAL A 43 4.87 -7.91 12.70
CA VAL A 43 5.46 -6.84 13.52
C VAL A 43 6.87 -7.18 13.93
N PHE A 44 7.67 -6.15 14.04
CA PHE A 44 8.91 -6.20 14.84
C PHE A 44 8.53 -6.58 16.26
N SER A 45 9.37 -7.39 16.90
CA SER A 45 8.95 -7.98 18.17
C SER A 45 10.16 -8.16 19.08
N SER A 46 9.88 -8.64 20.28
CA SER A 46 10.91 -9.08 21.27
C SER A 46 11.66 -10.31 20.74
N GLU A 47 11.14 -11.00 19.73
CA GLU A 47 11.78 -12.18 19.12
C GLU A 47 12.64 -11.76 17.93
N THR A 48 12.59 -10.53 17.46
CA THR A 48 13.37 -10.17 16.25
C THR A 48 14.86 -10.16 16.63
N THR A 49 15.68 -10.83 15.82
CA THR A 49 17.16 -10.74 15.94
C THR A 49 17.59 -9.32 16.29
N ALA A 50 18.29 -9.13 17.40
CA ALA A 50 18.56 -7.81 17.99
C ALA A 50 19.29 -6.92 16.99
N SER A 51 20.25 -7.45 16.24
CA SER A 51 21.03 -6.67 15.26
C SER A 51 20.14 -6.14 14.11
N GLU A 52 18.91 -6.67 13.97
CA GLU A 52 17.99 -6.35 12.83
C GLU A 52 16.96 -5.33 13.29
N VAL A 53 17.02 -4.90 14.53
CA VAL A 53 16.11 -3.86 15.07
C VAL A 53 16.93 -2.58 15.17
N ASP A 54 16.48 -1.50 14.54
CA ASP A 54 17.17 -0.18 14.58
C ASP A 54 16.13 0.96 14.69
N GLY A 55 15.60 1.14 15.86
CA GLY A 55 14.69 2.26 16.17
C GLY A 55 13.22 1.88 16.13
N GLN A 56 12.84 0.70 15.61
CA GLN A 56 11.41 0.33 15.55
C GLN A 56 10.88 0.10 16.96
N THR A 57 9.58 0.31 17.14
CA THR A 57 8.85 -0.13 18.33
C THR A 57 8.54 -1.61 18.17
N ILE A 58 8.72 -2.37 19.23
CA ILE A 58 8.54 -3.83 19.16
C ILE A 58 7.31 -4.23 19.95
N TYR A 59 6.65 -5.29 19.46
N TYR A 59 6.65 -5.29 19.46
N TYR A 59 6.65 -5.29 19.46
N TYR A 59 6.65 -5.29 19.46
CA TYR A 59 5.60 -6.02 20.19
CA TYR A 59 5.60 -6.02 20.19
CA TYR A 59 5.60 -6.02 20.19
CA TYR A 59 5.60 -6.02 20.19
C TYR A 59 6.28 -7.08 21.09
C TYR A 59 6.28 -7.08 21.09
C TYR A 59 6.27 -7.07 21.09
C TYR A 59 6.27 -7.07 21.09
N THR A 60 5.93 -7.07 22.37
CA THR A 60 6.46 -8.10 23.32
C THR A 60 5.30 -8.95 23.77
N PRO A 61 5.08 -10.14 23.19
CA PRO A 61 3.87 -10.89 23.52
C PRO A 61 3.86 -11.32 24.99
N SER A 62 5.01 -11.47 25.62
CA SER A 62 5.06 -11.94 27.02
C SER A 62 4.49 -10.88 27.96
N LYS A 63 4.38 -9.64 27.52
CA LYS A 63 3.77 -8.54 28.32
C LYS A 63 2.30 -8.38 28.02
N SER A 64 1.71 -9.16 27.13
CA SER A 64 0.29 -9.08 26.84
C SER A 64 -0.47 -10.23 27.47
N THR A 65 -1.45 -9.91 28.28
CA THR A 65 -2.19 -10.95 29.02
C THR A 65 -3.13 -11.69 28.08
N THR A 66 -3.37 -11.17 26.86
CA THR A 66 -4.30 -11.78 25.89
C THR A 66 -3.52 -12.48 24.78
N ALA A 67 -2.19 -12.42 24.79
CA ALA A 67 -1.41 -13.08 23.72
C ALA A 67 -1.40 -14.58 23.97
N LYS A 68 -1.54 -15.34 22.90
N LYS A 68 -1.52 -15.35 22.90
N LYS A 68 -1.54 -15.34 22.90
N LYS A 68 -1.52 -15.35 22.90
CA LYS A 68 -1.43 -16.83 22.92
CA LYS A 68 -1.37 -16.81 22.97
CA LYS A 68 -1.43 -16.83 22.92
CA LYS A 68 -1.37 -16.81 22.97
C LYS A 68 -0.55 -17.27 21.76
C LYS A 68 -0.55 -17.26 21.77
C LYS A 68 -0.55 -17.27 21.76
C LYS A 68 -0.55 -17.26 21.77
N LEU A 69 0.46 -18.10 22.00
CA LEU A 69 1.23 -18.69 20.89
C LEU A 69 0.26 -19.47 20.05
N LEU A 70 0.32 -19.29 18.73
CA LEU A 70 -0.42 -20.16 17.79
C LEU A 70 0.56 -21.30 17.48
N SER A 71 0.36 -22.42 18.20
N SER A 71 0.39 -22.41 18.21
N SER A 71 0.36 -22.42 18.20
N SER A 71 0.39 -22.41 18.21
CA SER A 71 1.40 -23.47 18.26
CA SER A 71 1.40 -23.49 18.30
CA SER A 71 1.40 -23.47 18.26
CA SER A 71 1.40 -23.49 18.30
C SER A 71 1.68 -24.04 16.88
C SER A 71 1.68 -24.08 16.92
C SER A 71 1.68 -24.04 16.88
C SER A 71 1.68 -24.08 16.92
N GLY A 72 2.95 -24.09 16.52
CA GLY A 72 3.38 -24.70 15.25
C GLY A 72 3.31 -23.78 14.07
N ALA A 73 2.74 -22.60 14.22
CA ALA A 73 2.52 -21.75 13.03
C ALA A 73 3.77 -20.90 12.75
N THR A 74 4.14 -20.86 11.50
CA THR A 74 5.23 -19.97 11.02
C THR A 74 4.75 -19.20 9.81
N TRP A 75 5.52 -18.17 9.50
CA TRP A 75 5.20 -17.33 8.33
C TRP A 75 6.50 -16.87 7.69
N SER A 76 6.39 -16.54 6.41
CA SER A 76 7.58 -16.07 5.65
C SER A 76 7.07 -15.36 4.44
N ILE A 77 7.52 -14.15 4.17
N ILE A 77 7.52 -14.15 4.17
N ILE A 77 7.46 -14.08 4.32
N ILE A 77 7.46 -14.08 4.32
CA ILE A 77 6.95 -13.40 3.03
CA ILE A 77 6.95 -13.40 3.03
CA ILE A 77 7.09 -13.13 3.23
CA ILE A 77 7.09 -13.13 3.23
C ILE A 77 8.07 -12.67 2.32
C ILE A 77 8.07 -12.67 2.32
C ILE A 77 8.38 -12.58 2.60
C ILE A 77 8.38 -12.58 2.60
N SER A 78 7.91 -12.53 1.00
N SER A 78 7.91 -12.53 1.00
N SER A 78 8.30 -12.27 1.30
N SER A 78 8.30 -12.27 1.30
CA SER A 78 8.81 -11.78 0.10
CA SER A 78 8.81 -11.78 0.10
CA SER A 78 9.39 -11.73 0.48
CA SER A 78 9.39 -11.73 0.48
C SER A 78 7.95 -10.75 -0.61
C SER A 78 7.95 -10.75 -0.61
C SER A 78 8.81 -10.87 -0.64
C SER A 78 8.81 -10.87 -0.64
N TYR A 79 8.39 -9.50 -0.67
N TYR A 79 8.39 -9.50 -0.67
N TYR A 79 9.47 -9.75 -0.94
N TYR A 79 9.47 -9.75 -0.94
CA TYR A 79 7.64 -8.42 -1.34
CA TYR A 79 7.64 -8.42 -1.34
CA TYR A 79 9.10 -8.80 -2.02
CA TYR A 79 9.10 -8.80 -2.02
C TYR A 79 8.25 -8.18 -2.72
C TYR A 79 8.25 -8.18 -2.72
C TYR A 79 10.17 -8.86 -3.11
C TYR A 79 10.17 -8.86 -3.11
N GLY A 80 7.50 -7.46 -3.57
N GLY A 80 7.50 -7.46 -3.57
N GLY A 80 9.88 -8.25 -4.26
N GLY A 80 9.88 -8.25 -4.26
CA GLY A 80 7.89 -7.13 -4.95
CA GLY A 80 7.89 -7.13 -4.95
CA GLY A 80 10.65 -8.37 -5.52
CA GLY A 80 10.65 -8.37 -5.52
C GLY A 80 9.20 -6.38 -5.03
C GLY A 80 9.20 -6.38 -5.03
C GLY A 80 12.13 -8.06 -5.36
C GLY A 80 12.13 -8.06 -5.36
N ASP A 81 9.58 -5.66 -3.98
N ASP A 81 9.58 -5.66 -3.98
N ASP A 81 12.48 -7.14 -4.45
N ASP A 81 12.48 -7.14 -4.45
CA ASP A 81 10.84 -4.86 -3.92
CA ASP A 81 10.84 -4.87 -3.92
CA ASP A 81 13.83 -6.51 -4.35
CA ASP A 81 13.83 -6.51 -4.35
C ASP A 81 12.01 -5.72 -3.42
C ASP A 81 12.01 -5.72 -3.42
C ASP A 81 14.75 -7.29 -3.40
C ASP A 81 14.75 -7.29 -3.40
N GLY A 82 11.83 -7.01 -3.18
N GLY A 82 11.83 -7.01 -3.18
N GLY A 82 14.31 -8.46 -2.89
N GLY A 82 14.31 -8.46 -2.89
CA GLY A 82 12.91 -7.94 -2.79
CA GLY A 82 12.91 -7.94 -2.79
CA GLY A 82 15.07 -9.29 -1.94
CA GLY A 82 15.07 -9.29 -1.94
C GLY A 82 13.10 -8.04 -1.28
C GLY A 82 13.10 -8.04 -1.28
C GLY A 82 14.60 -9.12 -0.50
C GLY A 82 14.60 -9.12 -0.50
N SER A 83 12.34 -7.26 -0.49
N SER A 83 12.34 -7.26 -0.49
N SER A 83 13.87 -8.03 -0.20
N SER A 83 13.87 -8.03 -0.20
CA SER A 83 12.40 -7.28 0.99
CA SER A 83 12.40 -7.28 0.99
CA SER A 83 13.39 -7.71 1.17
CA SER A 83 13.39 -7.71 1.17
C SER A 83 11.63 -8.52 1.51
C SER A 83 11.63 -8.52 1.51
C SER A 83 12.44 -8.81 1.66
C SER A 83 12.44 -8.81 1.66
N SER A 84 11.93 -8.93 2.73
N SER A 84 11.93 -8.93 2.73
N SER A 84 12.61 -9.25 2.90
N SER A 84 12.61 -9.25 2.90
CA SER A 84 11.37 -10.17 3.31
CA SER A 84 11.37 -10.17 3.31
CA SER A 84 11.96 -10.47 3.44
CA SER A 84 11.96 -10.47 3.44
C SER A 84 11.45 -10.15 4.83
C SER A 84 11.45 -10.15 4.83
C SER A 84 11.68 -10.30 4.92
C SER A 84 11.68 -10.30 4.92
N SER A 85 10.70 -11.05 5.46
CA SER A 85 10.61 -11.22 6.91
C SER A 85 9.97 -12.58 7.16
N SER A 86 10.22 -13.10 8.34
CA SER A 86 9.64 -14.40 8.71
C SER A 86 9.62 -14.53 10.22
N GLY A 87 8.81 -15.46 10.74
CA GLY A 87 8.84 -15.74 12.17
C GLY A 87 7.75 -16.69 12.59
N ASP A 88 7.27 -16.49 13.80
CA ASP A 88 6.20 -17.33 14.40
C ASP A 88 4.98 -16.48 14.64
N VAL A 89 3.96 -17.00 15.32
CA VAL A 89 2.62 -16.40 15.28
C VAL A 89 2.00 -16.45 16.65
N TYR A 90 1.39 -15.35 17.06
N TYR A 90 1.39 -15.35 17.06
N TYR A 90 1.39 -15.35 17.06
N TYR A 90 1.39 -15.35 17.06
CA TYR A 90 0.53 -15.22 18.26
CA TYR A 90 0.53 -15.22 18.26
CA TYR A 90 0.53 -15.22 18.26
CA TYR A 90 0.53 -15.22 18.26
C TYR A 90 -0.87 -14.84 17.80
C TYR A 90 -0.87 -14.84 17.80
C TYR A 90 -0.87 -14.84 17.80
C TYR A 90 -0.87 -14.84 17.80
N THR A 91 -1.87 -15.15 18.61
CA THR A 91 -3.17 -14.50 18.48
C THR A 91 -3.22 -13.50 19.59
N ASP A 92 -3.83 -12.34 19.32
N ASP A 92 -3.83 -12.34 19.32
N ASP A 92 -3.83 -12.34 19.32
N ASP A 92 -3.83 -12.34 19.32
CA ASP A 92 -3.97 -11.28 20.35
CA ASP A 92 -3.97 -11.28 20.35
CA ASP A 92 -3.97 -11.28 20.35
CA ASP A 92 -3.97 -11.28 20.35
C ASP A 92 -5.09 -10.33 19.91
C ASP A 92 -5.09 -10.33 19.91
C ASP A 92 -5.09 -10.33 19.91
C ASP A 92 -5.09 -10.33 19.91
N THR A 93 -5.44 -9.41 20.79
CA THR A 93 -6.44 -8.38 20.52
C THR A 93 -5.77 -7.27 19.73
N VAL A 94 -6.36 -6.87 18.65
CA VAL A 94 -5.80 -5.80 17.77
C VAL A 94 -6.91 -4.79 17.54
N SER A 95 -6.61 -3.51 17.74
CA SER A 95 -7.57 -2.41 17.55
C SER A 95 -6.98 -1.39 16.58
N VAL A 96 -7.79 -0.94 15.67
CA VAL A 96 -7.45 0.12 14.70
C VAL A 96 -8.47 1.20 14.82
N GLY A 97 -8.11 2.37 15.30
CA GLY A 97 -9.05 3.51 15.27
C GLY A 97 -10.31 3.21 16.01
N GLY A 98 -10.26 2.44 17.11
CA GLY A 98 -11.47 2.14 17.87
C GLY A 98 -12.16 0.84 17.53
N LEU A 99 -11.81 0.21 16.43
CA LEU A 99 -12.38 -1.09 16.02
C LEU A 99 -11.51 -2.21 16.50
N THR A 100 -12.08 -3.15 17.27
CA THR A 100 -11.31 -4.20 17.95
C THR A 100 -11.61 -5.56 17.35
N VAL A 101 -10.59 -6.34 17.08
CA VAL A 101 -10.70 -7.77 16.72
C VAL A 101 -10.00 -8.56 17.80
N THR A 102 -10.69 -9.54 18.35
CA THR A 102 -10.03 -10.53 19.24
C THR A 102 -9.58 -11.75 18.43
N GLY A 103 -8.50 -12.32 18.88
CA GLY A 103 -7.99 -13.53 18.23
C GLY A 103 -7.37 -13.27 16.88
N GLN A 104 -6.88 -12.06 16.64
CA GLN A 104 -6.18 -11.76 15.38
C GLN A 104 -4.83 -12.42 15.37
N ALA A 105 -4.43 -13.01 14.26
CA ALA A 105 -3.07 -13.52 14.10
C ALA A 105 -2.12 -12.35 13.97
N VAL A 106 -1.18 -12.28 14.89
CA VAL A 106 -0.10 -11.26 14.92
C VAL A 106 1.17 -12.04 14.66
N GLU A 107 1.77 -11.80 13.50
CA GLU A 107 2.93 -12.57 13.03
C GLU A 107 4.18 -11.90 13.56
N SER A 108 4.89 -12.52 14.46
CA SER A 108 6.06 -11.94 15.14
C SER A 108 7.32 -12.23 14.36
N ALA A 109 8.05 -11.20 13.95
CA ALA A 109 9.25 -11.39 13.14
C ALA A 109 10.38 -11.93 14.01
N LYS A 110 10.95 -13.04 13.55
CA LYS A 110 12.26 -13.47 14.05
C LYS A 110 13.37 -12.90 13.19
N LYS A 111 13.12 -12.68 11.91
CA LYS A 111 14.13 -12.17 10.95
C LYS A 111 13.45 -11.14 10.08
N VAL A 112 14.18 -10.08 9.77
CA VAL A 112 13.75 -9.10 8.73
C VAL A 112 14.96 -8.79 7.86
N SER A 113 14.70 -8.45 6.62
CA SER A 113 15.78 -8.06 5.67
C SER A 113 16.23 -6.65 5.99
N SER A 114 17.41 -6.33 5.47
CA SER A 114 18.09 -5.05 5.75
C SER A 114 17.20 -3.84 5.50
N SER A 115 16.38 -3.85 4.44
N SER A 115 16.38 -3.85 4.44
N SER A 115 16.45 -3.85 4.41
N SER A 115 16.45 -3.85 4.41
CA SER A 115 15.49 -2.71 4.08
CA SER A 115 15.49 -2.71 4.08
CA SER A 115 15.63 -2.69 4.00
CA SER A 115 15.63 -2.69 4.00
C SER A 115 14.53 -2.40 5.23
C SER A 115 14.53 -2.40 5.23
C SER A 115 14.54 -2.44 5.05
C SER A 115 14.54 -2.44 5.05
N PHE A 116 13.92 -3.42 5.85
N PHE A 116 13.92 -3.42 5.85
N PHE A 116 14.09 -3.49 5.76
N PHE A 116 14.09 -3.49 5.76
CA PHE A 116 13.01 -3.20 7.00
CA PHE A 116 13.01 -3.20 7.00
CA PHE A 116 13.11 -3.37 6.86
CA PHE A 116 13.11 -3.37 6.86
C PHE A 116 13.81 -2.65 8.19
C PHE A 116 13.81 -2.65 8.19
C PHE A 116 13.79 -2.73 8.08
C PHE A 116 13.79 -2.73 8.08
N THR A 117 14.99 -3.20 8.46
CA THR A 117 15.78 -2.69 9.58
C THR A 117 16.03 -1.19 9.37
N GLU A 118 16.38 -0.85 8.14
N GLU A 118 16.38 -0.85 8.14
N GLU A 118 16.27 -0.81 8.11
N GLU A 118 16.27 -0.81 8.11
CA GLU A 118 16.86 0.52 7.79
CA GLU A 118 16.86 0.52 7.79
CA GLU A 118 16.58 0.59 7.68
CA GLU A 118 16.58 0.59 7.68
C GLU A 118 15.69 1.50 7.77
C GLU A 118 15.69 1.50 7.77
C GLU A 118 15.37 1.51 7.92
C GLU A 118 15.37 1.51 7.92
N ASP A 119 14.45 1.03 7.88
N ASP A 119 14.45 1.03 7.88
N ASP A 119 14.14 1.02 7.76
N ASP A 119 14.14 1.02 7.76
CA ASP A 119 13.30 1.96 7.95
CA ASP A 119 13.30 1.96 7.95
CA ASP A 119 12.92 1.87 7.87
CA ASP A 119 12.92 1.87 7.87
C ASP A 119 12.78 1.96 9.38
C ASP A 119 12.78 1.96 9.38
C ASP A 119 12.60 2.04 9.38
C ASP A 119 12.60 2.04 9.38
N SER A 120 13.26 2.94 10.14
CA SER A 120 13.02 3.05 11.60
C SER A 120 11.58 3.41 11.87
N THR A 121 10.89 3.95 10.89
CA THR A 121 9.51 4.49 11.09
C THR A 121 8.42 3.45 10.93
N ILE A 122 8.75 2.27 10.41
N ILE A 122 8.75 2.27 10.41
N ILE A 122 8.73 2.28 10.37
N ILE A 122 8.73 2.28 10.37
CA ILE A 122 7.74 1.21 10.11
CA ILE A 122 7.74 1.21 10.11
CA ILE A 122 7.71 1.23 10.07
CA ILE A 122 7.71 1.23 10.07
C ILE A 122 7.96 0.05 11.08
C ILE A 122 7.96 0.05 11.08
C ILE A 122 7.94 0.06 11.03
C ILE A 122 7.94 0.06 11.03
N ASP A 123 6.97 -0.19 11.91
CA ASP A 123 7.08 -1.23 12.96
C ASP A 123 6.51 -2.55 12.45
N GLY A 124 5.99 -2.60 11.25
CA GLY A 124 5.41 -3.82 10.67
C GLY A 124 4.41 -3.45 9.62
N LEU A 125 3.74 -4.47 9.09
N LEU A 125 3.74 -4.47 9.09
N LEU A 125 3.72 -4.49 9.13
N LEU A 125 3.72 -4.49 9.13
CA LEU A 125 2.72 -4.33 8.01
CA LEU A 125 2.72 -4.33 8.01
CA LEU A 125 2.75 -4.43 8.02
CA LEU A 125 2.75 -4.43 8.02
C LEU A 125 1.41 -4.90 8.50
C LEU A 125 1.41 -4.90 8.50
C LEU A 125 1.39 -4.88 8.54
C LEU A 125 1.39 -4.88 8.54
N LEU A 126 0.32 -4.30 8.01
CA LEU A 126 -1.02 -4.80 8.26
C LEU A 126 -1.64 -5.04 6.92
N GLY A 127 -1.72 -6.31 6.50
CA GLY A 127 -2.22 -6.67 5.16
C GLY A 127 -3.71 -6.56 5.04
N LEU A 128 -4.16 -6.05 3.90
CA LEU A 128 -5.56 -5.82 3.59
C LEU A 128 -5.94 -6.32 2.20
N ALA A 129 -5.12 -7.19 1.62
CA ALA A 129 -5.54 -7.95 0.42
C ALA A 129 -6.36 -9.16 0.90
N PHE A 130 -6.66 -10.10 0.02
CA PHE A 130 -7.57 -11.21 0.39
C PHE A 130 -6.79 -12.23 1.19
N SER A 131 -7.51 -12.89 2.11
CA SER A 131 -6.83 -13.80 3.07
C SER A 131 -6.18 -15.02 2.38
N THR A 132 -6.59 -15.33 1.16
CA THR A 132 -5.94 -16.37 0.36
C THR A 132 -4.47 -16.15 0.18
N LEU A 133 -3.93 -14.91 0.29
CA LEU A 133 -2.49 -14.65 0.20
C LEU A 133 -1.77 -14.76 1.53
N ASN A 134 -2.45 -15.00 2.64
CA ASN A 134 -1.76 -15.02 3.93
C ASN A 134 -0.75 -16.15 3.95
N THR A 135 0.42 -15.92 4.50
CA THR A 135 1.53 -16.88 4.38
C THR A 135 1.60 -17.84 5.59
N VAL A 136 0.75 -17.72 6.59
CA VAL A 136 0.90 -18.57 7.78
C VAL A 136 0.70 -20.04 7.38
N SER A 137 1.59 -20.86 7.90
CA SER A 137 1.61 -22.31 7.68
C SER A 137 1.70 -23.00 9.04
N PRO A 138 1.00 -24.15 9.24
CA PRO A 138 0.21 -24.87 8.24
C PRO A 138 -1.25 -24.46 8.13
N THR A 139 -1.68 -23.47 8.91
CA THR A 139 -3.08 -23.04 8.99
C THR A 139 -3.10 -21.58 8.59
N GLN A 140 -3.57 -21.32 7.40
CA GLN A 140 -3.62 -19.93 6.88
C GLN A 140 -4.54 -19.12 7.79
N GLN A 141 -4.16 -17.86 8.00
CA GLN A 141 -4.86 -16.93 8.90
C GLN A 141 -5.58 -15.83 8.10
N LYS A 142 -6.59 -15.25 8.74
CA LYS A 142 -7.37 -14.15 8.17
C LYS A 142 -6.79 -12.78 8.45
N THR A 143 -6.98 -11.87 7.50
CA THR A 143 -6.63 -10.45 7.70
C THR A 143 -7.49 -9.85 8.81
N PHE A 144 -7.01 -8.71 9.26
CA PHE A 144 -7.77 -7.88 10.22
C PHE A 144 -9.14 -7.53 9.66
N PHE A 145 -9.20 -7.12 8.39
N PHE A 145 -9.20 -7.12 8.39
N PHE A 145 -9.20 -7.12 8.39
N PHE A 145 -9.20 -7.12 8.39
CA PHE A 145 -10.48 -6.76 7.74
CA PHE A 145 -10.48 -6.76 7.74
CA PHE A 145 -10.48 -6.76 7.74
CA PHE A 145 -10.48 -6.76 7.74
C PHE A 145 -11.41 -7.97 7.66
C PHE A 145 -11.41 -7.97 7.66
C PHE A 145 -11.41 -7.97 7.66
C PHE A 145 -11.41 -7.97 7.66
N ASP A 146 -10.89 -9.13 7.28
CA ASP A 146 -11.72 -10.35 7.16
C ASP A 146 -12.25 -10.71 8.53
N ASN A 147 -11.47 -10.62 9.60
CA ASN A 147 -11.93 -10.92 10.97
C ASN A 147 -12.93 -9.89 11.43
N ALA A 148 -12.81 -8.63 11.06
CA ALA A 148 -13.72 -7.55 11.50
C ALA A 148 -15.03 -7.51 10.75
N LYS A 149 -15.08 -8.04 9.53
N LYS A 149 -15.04 -8.04 9.53
N LYS A 149 -15.08 -8.04 9.53
N LYS A 149 -15.04 -8.04 9.53
CA LYS A 149 -16.10 -7.61 8.53
CA LYS A 149 -16.07 -7.77 8.49
CA LYS A 149 -16.10 -7.61 8.53
CA LYS A 149 -16.07 -7.77 8.49
C LYS A 149 -17.53 -7.98 8.95
C LYS A 149 -17.49 -7.95 9.05
C LYS A 149 -17.53 -7.98 8.95
C LYS A 149 -17.49 -7.95 9.05
N ALA A 150 -17.76 -9.10 9.65
CA ALA A 150 -19.12 -9.48 10.09
C ALA A 150 -19.61 -8.46 11.12
N SER A 151 -18.75 -7.84 11.92
CA SER A 151 -19.10 -6.88 12.98
C SER A 151 -19.31 -5.48 12.42
N LEU A 152 -18.77 -5.17 11.25
CA LEU A 152 -18.78 -3.79 10.74
C LEU A 152 -20.18 -3.39 10.29
N ASP A 153 -20.49 -2.11 10.36
N ASP A 153 -20.49 -2.11 10.36
N ASP A 153 -20.49 -2.11 10.36
N ASP A 153 -20.49 -2.11 10.36
CA ASP A 153 -21.80 -1.61 9.93
CA ASP A 153 -21.80 -1.61 9.93
CA ASP A 153 -21.80 -1.61 9.93
CA ASP A 153 -21.80 -1.61 9.93
C ASP A 153 -22.01 -1.93 8.44
C ASP A 153 -22.00 -1.92 8.44
C ASP A 153 -22.01 -1.93 8.44
C ASP A 153 -22.00 -1.92 8.44
N SER A 154 -20.94 -1.89 7.65
N SER A 154 -20.94 -1.77 7.64
N SER A 154 -20.94 -1.89 7.65
N SER A 154 -20.94 -1.77 7.64
CA SER A 154 -20.92 -2.18 6.20
CA SER A 154 -20.89 -2.14 6.20
CA SER A 154 -20.92 -2.18 6.20
CA SER A 154 -20.89 -2.14 6.20
C SER A 154 -19.59 -2.86 5.95
C SER A 154 -19.57 -2.85 5.94
C SER A 154 -19.59 -2.86 5.95
C SER A 154 -19.57 -2.85 5.94
N PRO A 155 -19.53 -3.90 5.08
CA PRO A 155 -18.30 -4.68 4.93
C PRO A 155 -17.30 -4.01 3.99
N VAL A 156 -16.79 -2.87 4.43
CA VAL A 156 -15.95 -1.99 3.59
C VAL A 156 -14.83 -1.41 4.43
N PHE A 157 -13.75 -1.03 3.75
CA PHE A 157 -12.83 -0.04 4.34
C PHE A 157 -12.47 0.93 3.24
N THR A 158 -11.99 2.10 3.65
CA THR A 158 -11.66 3.16 2.69
C THR A 158 -10.26 3.67 2.97
N ALA A 159 -9.56 3.99 1.91
CA ALA A 159 -8.23 4.62 1.94
C ALA A 159 -8.33 6.01 1.39
N ASP A 160 -7.88 6.98 2.20
N ASP A 160 -7.88 6.98 2.20
N ASP A 160 -7.88 6.98 2.20
N ASP A 160 -7.88 6.98 2.20
CA ASP A 160 -7.88 8.41 1.85
CA ASP A 160 -7.88 8.41 1.85
CA ASP A 160 -7.88 8.41 1.85
CA ASP A 160 -7.88 8.41 1.85
C ASP A 160 -6.48 8.91 2.15
C ASP A 160 -6.48 8.91 2.15
C ASP A 160 -6.48 8.91 2.15
C ASP A 160 -6.48 8.91 2.15
N LEU A 161 -5.52 8.62 1.28
CA LEU A 161 -4.12 8.97 1.53
C LEU A 161 -3.92 10.43 1.16
N GLY A 162 -3.09 11.10 1.94
CA GLY A 162 -2.75 12.51 1.71
C GLY A 162 -1.54 12.67 0.81
N TYR A 163 -1.48 13.78 0.10
CA TYR A 163 -0.27 14.24 -0.58
C TYR A 163 0.51 15.12 0.37
N HIS A 164 1.64 14.65 0.81
CA HIS A 164 2.51 15.37 1.75
C HIS A 164 1.70 15.83 2.95
N ALA A 165 0.78 14.98 3.45
CA ALA A 165 -0.13 15.34 4.54
C ALA A 165 -0.74 14.06 5.06
N PRO A 166 -1.24 14.06 6.29
CA PRO A 166 -1.98 12.92 6.82
C PRO A 166 -3.27 12.69 6.04
N GLY A 167 -3.74 11.46 6.18
CA GLY A 167 -5.01 11.00 5.61
C GLY A 167 -5.67 10.05 6.56
N THR A 168 -6.56 9.19 6.06
CA THR A 168 -7.44 8.39 6.90
C THR A 168 -7.67 7.01 6.31
N TYR A 169 -7.70 6.00 7.17
CA TYR A 169 -8.29 4.68 6.89
C TYR A 169 -9.54 4.57 7.74
N ASN A 170 -10.67 4.33 7.09
CA ASN A 170 -11.93 4.03 7.79
C ASN A 170 -12.36 2.61 7.54
N PHE A 171 -12.93 2.00 8.56
CA PHE A 171 -13.46 0.65 8.49
C PHE A 171 -14.95 0.68 8.83
N GLY A 172 -15.78 0.13 7.96
CA GLY A 172 -17.20 -0.09 8.25
C GLY A 172 -18.11 1.00 7.82
N PHE A 173 -17.61 2.08 7.23
N PHE A 173 -17.61 2.08 7.23
N PHE A 173 -17.62 2.08 7.22
N PHE A 173 -17.61 2.08 7.23
CA PHE A 173 -18.49 3.19 6.76
CA PHE A 173 -18.49 3.19 6.76
CA PHE A 173 -18.49 3.19 6.76
CA PHE A 173 -18.49 3.19 6.76
C PHE A 173 -17.78 3.99 5.69
C PHE A 173 -17.78 4.00 5.69
C PHE A 173 -17.78 3.99 5.69
C PHE A 173 -17.78 4.00 5.69
N ILE A 174 -18.57 4.70 4.91
N ILE A 174 -18.60 4.65 4.88
N ILE A 174 -18.57 4.70 4.91
N ILE A 174 -18.60 4.65 4.88
CA ILE A 174 -18.06 5.62 3.86
CA ILE A 174 -18.19 5.69 3.90
CA ILE A 174 -18.06 5.62 3.86
CA ILE A 174 -18.19 5.69 3.90
C ILE A 174 -18.39 7.04 4.30
C ILE A 174 -18.39 7.06 4.52
C ILE A 174 -18.39 7.04 4.30
C ILE A 174 -18.39 7.06 4.52
N ASP A 175 -17.33 7.82 4.55
N ASP A 175 -17.33 7.85 4.57
N ASP A 175 -17.33 7.82 4.55
N ASP A 175 -17.33 7.85 4.57
CA ASP A 175 -17.44 9.23 5.00
CA ASP A 175 -17.44 9.24 5.01
CA ASP A 175 -17.44 9.23 5.00
CA ASP A 175 -17.44 9.24 5.01
C ASP A 175 -17.81 10.06 3.77
C ASP A 175 -17.81 10.07 3.78
C ASP A 175 -17.81 10.06 3.77
C ASP A 175 -17.81 10.07 3.78
N THR A 176 -19.10 10.43 3.65
CA THR A 176 -19.60 11.15 2.47
C THR A 176 -19.06 12.58 2.44
N THR A 177 -18.40 13.07 3.47
CA THR A 177 -17.75 14.39 3.49
C THR A 177 -16.33 14.37 2.96
N ALA A 178 -15.76 13.18 2.72
CA ALA A 178 -14.33 13.04 2.42
C ALA A 178 -14.04 13.04 0.92
N TYR A 179 -15.05 13.17 0.06
N TYR A 179 -15.05 13.17 0.06
N TYR A 179 -15.05 13.17 0.06
N TYR A 179 -15.05 13.17 0.06
CA TYR A 179 -14.84 13.14 -1.41
CA TYR A 179 -14.84 13.14 -1.41
CA TYR A 179 -14.84 13.14 -1.41
CA TYR A 179 -14.84 13.14 -1.41
C TYR A 179 -15.81 14.09 -2.08
C TYR A 179 -15.81 14.09 -2.08
C TYR A 179 -15.81 14.09 -2.08
C TYR A 179 -15.81 14.09 -2.08
N THR A 180 -15.53 14.41 -3.34
CA THR A 180 -16.36 15.30 -4.16
C THR A 180 -17.06 14.41 -5.16
N GLY A 181 -18.19 14.89 -5.67
CA GLY A 181 -18.91 14.14 -6.71
C GLY A 181 -19.38 12.80 -6.18
N SER A 182 -19.41 11.80 -7.05
N SER A 182 -19.41 11.79 -7.06
N SER A 182 -19.41 11.80 -7.05
N SER A 182 -19.41 11.79 -7.06
CA SER A 182 -19.91 10.45 -6.73
CA SER A 182 -19.92 10.43 -6.77
CA SER A 182 -19.91 10.45 -6.73
CA SER A 182 -19.92 10.43 -6.77
C SER A 182 -18.77 9.42 -6.75
C SER A 182 -18.78 9.42 -6.77
C SER A 182 -18.77 9.42 -6.75
C SER A 182 -18.78 9.42 -6.77
N ILE A 183 -19.00 8.27 -6.13
CA ILE A 183 -18.03 7.16 -6.14
C ILE A 183 -18.37 6.32 -7.34
N THR A 184 -17.42 6.03 -8.21
CA THR A 184 -17.62 5.09 -9.32
C THR A 184 -17.07 3.74 -8.94
N TYR A 185 -17.91 2.73 -8.93
N TYR A 185 -17.91 2.73 -8.93
N TYR A 185 -17.91 2.73 -8.93
N TYR A 185 -17.91 2.73 -8.93
CA TYR A 185 -17.50 1.36 -8.58
CA TYR A 185 -17.50 1.36 -8.58
CA TYR A 185 -17.50 1.36 -8.58
CA TYR A 185 -17.50 1.36 -8.58
C TYR A 185 -17.14 0.58 -9.82
C TYR A 185 -17.14 0.58 -9.82
C TYR A 185 -17.14 0.58 -9.82
C TYR A 185 -17.14 0.58 -9.82
N THR A 186 -16.21 -0.32 -9.67
CA THR A 186 -15.66 -1.14 -10.76
C THR A 186 -15.39 -2.53 -10.27
N ALA A 187 -15.48 -3.51 -11.18
CA ALA A 187 -15.36 -4.91 -10.82
C ALA A 187 -13.98 -5.27 -10.33
N VAL A 188 -13.92 -6.27 -9.47
CA VAL A 188 -12.68 -6.80 -8.91
C VAL A 188 -12.56 -8.28 -9.25
N SER A 189 -11.39 -8.75 -9.63
CA SER A 189 -11.04 -10.18 -9.65
C SER A 189 -10.25 -10.47 -8.40
N THR A 190 -10.64 -11.48 -7.64
CA THR A 190 -9.86 -11.97 -6.48
C THR A 190 -8.99 -13.16 -6.84
N LYS A 191 -8.90 -13.52 -8.12
CA LYS A 191 -8.22 -14.77 -8.55
C LYS A 191 -6.75 -14.78 -8.15
N GLN A 192 -6.05 -13.65 -8.09
CA GLN A 192 -4.65 -13.60 -7.66
C GLN A 192 -4.53 -13.13 -6.18
N GLY A 193 -5.65 -12.96 -5.48
CA GLY A 193 -5.65 -12.55 -4.06
C GLY A 193 -5.56 -11.04 -3.85
N PHE A 194 -5.58 -10.27 -4.93
N PHE A 194 -5.58 -10.27 -4.93
N PHE A 194 -5.58 -10.27 -4.93
N PHE A 194 -5.58 -10.27 -4.93
CA PHE A 194 -5.39 -8.79 -4.90
CA PHE A 194 -5.39 -8.79 -4.90
CA PHE A 194 -5.39 -8.79 -4.90
CA PHE A 194 -5.39 -8.79 -4.90
C PHE A 194 -6.71 -8.10 -5.18
C PHE A 194 -6.71 -8.10 -5.18
C PHE A 194 -6.71 -8.10 -5.18
C PHE A 194 -6.71 -8.10 -5.18
N TRP A 195 -6.76 -6.79 -4.88
CA TRP A 195 -7.85 -5.90 -5.30
C TRP A 195 -7.54 -5.52 -6.76
N GLU A 196 -7.81 -6.47 -7.68
CA GLU A 196 -7.41 -6.37 -9.09
C GLU A 196 -8.59 -5.90 -9.89
N TRP A 197 -8.37 -4.89 -10.71
CA TRP A 197 -9.43 -4.21 -11.44
C TRP A 197 -8.91 -3.81 -12.81
N THR A 198 -9.74 -3.25 -13.65
CA THR A 198 -9.34 -2.83 -15.01
C THR A 198 -9.68 -1.38 -15.20
N SER A 199 -8.66 -0.56 -15.31
CA SER A 199 -8.82 0.84 -15.68
C SER A 199 -9.25 0.93 -17.13
N THR A 200 -10.02 1.94 -17.46
CA THR A 200 -10.55 2.12 -18.82
C THR A 200 -9.65 3.02 -19.67
N GLY A 201 -8.55 3.56 -19.15
CA GLY A 201 -7.57 4.23 -20.01
C GLY A 201 -6.87 5.36 -19.30
N TYR A 202 -6.27 6.25 -20.06
CA TYR A 202 -5.44 7.28 -19.45
C TYR A 202 -5.36 8.50 -20.36
N ALA A 203 -4.92 9.58 -19.75
CA ALA A 203 -4.52 10.79 -20.49
C ALA A 203 -3.24 11.35 -19.85
N VAL A 204 -2.46 12.07 -20.64
CA VAL A 204 -1.24 12.74 -20.14
C VAL A 204 -1.47 14.22 -20.19
N GLY A 205 -1.41 14.93 -19.08
CA GLY A 205 -1.63 16.36 -19.09
C GLY A 205 -3.00 16.69 -19.63
N SER A 206 -3.05 17.70 -20.49
N SER A 206 -3.04 17.69 -20.50
N SER A 206 -3.05 17.70 -20.49
N SER A 206 -3.04 17.69 -20.50
CA SER A 206 -4.32 18.15 -21.12
CA SER A 206 -4.30 18.17 -21.16
CA SER A 206 -4.32 18.15 -21.12
CA SER A 206 -4.30 18.17 -21.16
C SER A 206 -4.60 17.35 -22.39
C SER A 206 -4.59 17.37 -22.42
C SER A 206 -4.60 17.35 -22.39
C SER A 206 -4.59 17.37 -22.42
N GLY A 207 -3.84 16.28 -22.66
CA GLY A 207 -4.00 15.44 -23.84
C GLY A 207 -5.33 14.71 -23.89
N THR A 208 -5.63 14.12 -25.03
CA THR A 208 -6.88 13.42 -25.23
C THR A 208 -6.78 12.08 -24.49
N PHE A 209 -7.92 11.63 -23.98
N PHE A 209 -7.92 11.63 -23.98
N PHE A 209 -7.92 11.63 -23.98
N PHE A 209 -7.92 11.63 -23.98
CA PHE A 209 -8.01 10.35 -23.25
CA PHE A 209 -8.01 10.35 -23.25
CA PHE A 209 -8.01 10.35 -23.25
CA PHE A 209 -8.01 10.35 -23.25
C PHE A 209 -7.90 9.19 -24.23
C PHE A 209 -7.90 9.19 -24.23
C PHE A 209 -7.90 9.19 -24.23
C PHE A 209 -7.90 9.19 -24.23
N LYS A 210 -7.04 8.22 -23.92
CA LYS A 210 -6.87 6.98 -24.68
C LYS A 210 -7.68 5.89 -24.00
N SER A 211 -8.69 5.37 -24.67
CA SER A 211 -9.50 4.26 -24.16
C SER A 211 -8.74 2.97 -24.35
N THR A 212 -8.35 2.29 -23.28
CA THR A 212 -7.57 1.07 -23.34
C THR A 212 -7.70 0.41 -21.99
N SER A 213 -7.88 -0.87 -21.96
CA SER A 213 -8.03 -1.65 -20.70
C SER A 213 -6.68 -1.87 -20.08
N ILE A 214 -6.54 -1.49 -18.80
CA ILE A 214 -5.28 -1.68 -18.05
C ILE A 214 -5.64 -2.42 -16.77
N ASP A 215 -5.37 -3.72 -16.75
N ASP A 215 -5.35 -3.71 -16.75
N ASP A 215 -5.37 -3.72 -16.75
N ASP A 215 -5.35 -3.71 -16.75
CA ASP A 215 -5.56 -4.58 -15.56
CA ASP A 215 -5.58 -4.56 -15.56
CA ASP A 215 -5.56 -4.58 -15.56
CA ASP A 215 -5.58 -4.56 -15.56
C ASP A 215 -4.49 -4.23 -14.52
C ASP A 215 -4.49 -4.24 -14.52
C ASP A 215 -4.49 -4.23 -14.52
C ASP A 215 -4.49 -4.24 -14.52
N GLY A 216 -4.86 -3.99 -13.27
CA GLY A 216 -3.85 -3.79 -12.25
C GLY A 216 -4.41 -3.90 -10.89
N ILE A 217 -3.60 -3.64 -9.88
CA ILE A 217 -4.03 -3.82 -8.49
C ILE A 217 -4.01 -2.50 -7.75
N ALA A 218 -4.96 -2.32 -6.87
CA ALA A 218 -4.95 -1.17 -5.95
C ALA A 218 -4.13 -1.56 -4.75
N ASP A 219 -2.95 -0.95 -4.60
N ASP A 219 -2.95 -0.95 -4.60
N ASP A 219 -2.94 -0.96 -4.64
N ASP A 219 -2.94 -0.96 -4.64
CA ASP A 219 -1.93 -1.43 -3.63
CA ASP A 219 -1.93 -1.43 -3.63
CA ASP A 219 -1.90 -1.40 -3.66
CA ASP A 219 -1.90 -1.40 -3.66
C ASP A 219 -1.38 -0.27 -2.81
C ASP A 219 -1.38 -0.27 -2.81
C ASP A 219 -1.41 -0.20 -2.83
C ASP A 219 -1.41 -0.20 -2.83
N THR A 220 -1.94 -0.06 -1.62
CA THR A 220 -1.47 0.99 -0.74
C THR A 220 -0.04 0.78 -0.27
N GLY A 221 0.49 -0.43 -0.35
N GLY A 221 0.49 -0.43 -0.35
N GLY A 221 0.44 -0.46 -0.34
N GLY A 221 0.44 -0.46 -0.34
CA GLY A 221 1.84 -0.76 0.15
CA GLY A 221 1.84 -0.76 0.15
CA GLY A 221 1.81 -0.83 0.07
CA GLY A 221 1.81 -0.83 0.07
C GLY A 221 2.91 -0.58 -0.90
C GLY A 221 2.91 -0.58 -0.90
C GLY A 221 2.86 -0.58 -0.99
C GLY A 221 2.86 -0.58 -0.99
N THR A 222 2.56 -0.12 -2.08
N THR A 222 2.56 -0.12 -2.08
N THR A 222 2.50 -0.19 -2.20
N THR A 222 2.50 -0.19 -2.20
CA THR A 222 3.53 0.22 -3.14
CA THR A 222 3.53 0.22 -3.14
CA THR A 222 3.47 0.21 -3.25
CA THR A 222 3.47 0.21 -3.25
C THR A 222 3.53 1.74 -3.33
C THR A 222 3.53 1.74 -3.33
C THR A 222 3.52 1.73 -3.33
C THR A 222 3.52 1.73 -3.33
N THR A 223 4.71 2.34 -3.38
CA THR A 223 4.81 3.81 -3.42
C THR A 223 4.32 4.38 -4.76
N LEU A 224 4.80 3.80 -5.85
CA LEU A 224 4.67 4.40 -7.18
C LEU A 224 3.55 3.79 -8.00
N LEU A 225 3.33 4.36 -9.18
CA LEU A 225 2.35 3.91 -10.18
C LEU A 225 3.11 3.17 -11.26
N TYR A 226 2.90 1.85 -11.37
N TYR A 226 2.90 1.85 -11.37
N TYR A 226 2.90 1.85 -11.37
N TYR A 226 2.90 1.85 -11.37
CA TYR A 226 3.60 0.99 -12.35
CA TYR A 226 3.60 0.99 -12.35
CA TYR A 226 3.60 0.99 -12.35
CA TYR A 226 3.60 0.99 -12.35
C TYR A 226 2.61 0.60 -13.45
C TYR A 226 2.61 0.60 -13.45
C TYR A 226 2.61 0.60 -13.45
C TYR A 226 2.61 0.60 -13.45
N LEU A 227 2.89 0.99 -14.68
CA LEU A 227 1.96 0.83 -15.82
C LEU A 227 2.73 0.27 -17.00
N PRO A 228 2.01 -0.15 -18.06
CA PRO A 228 2.70 -0.74 -19.21
C PRO A 228 3.69 0.25 -19.83
N ALA A 229 4.74 -0.29 -20.43
CA ALA A 229 5.82 0.55 -20.99
C ALA A 229 5.29 1.51 -22.03
N THR A 230 4.29 1.16 -22.80
CA THR A 230 3.73 2.09 -23.80
C THR A 230 3.18 3.35 -23.11
N VAL A 231 2.43 3.12 -22.04
CA VAL A 231 1.76 4.23 -21.31
C VAL A 231 2.82 5.11 -20.65
N VAL A 232 3.80 4.49 -20.01
CA VAL A 232 4.85 5.21 -19.28
C VAL A 232 5.68 6.04 -20.27
N SER A 233 6.01 5.47 -21.44
CA SER A 233 6.81 6.20 -22.46
C SER A 233 6.00 7.41 -22.92
N ALA A 234 4.71 7.26 -23.15
CA ALA A 234 3.84 8.37 -23.55
C ALA A 234 3.84 9.49 -22.53
N TYR A 235 3.83 9.14 -21.25
N TYR A 235 3.83 9.14 -21.25
N TYR A 235 3.83 9.14 -21.25
N TYR A 235 3.83 9.14 -21.25
CA TYR A 235 3.88 10.16 -20.18
CA TYR A 235 3.88 10.16 -20.18
CA TYR A 235 3.88 10.16 -20.18
CA TYR A 235 3.88 10.16 -20.18
C TYR A 235 5.23 10.90 -20.24
C TYR A 235 5.23 10.90 -20.24
C TYR A 235 5.23 10.90 -20.24
C TYR A 235 5.23 10.90 -20.24
N TRP A 236 6.34 10.18 -20.14
CA TRP A 236 7.65 10.83 -19.95
C TRP A 236 8.13 11.54 -21.23
N ALA A 237 7.55 11.20 -22.37
CA ALA A 237 7.87 11.90 -23.63
C ALA A 237 7.39 13.34 -23.50
N GLN A 238 6.46 13.67 -22.60
CA GLN A 238 5.97 15.07 -22.45
C GLN A 238 6.86 15.85 -21.52
N VAL A 239 7.95 15.32 -20.98
CA VAL A 239 8.81 16.00 -20.02
C VAL A 239 10.19 16.14 -20.66
N SER A 240 10.59 17.38 -20.97
N SER A 240 10.58 17.37 -20.97
N SER A 240 10.59 17.38 -20.97
N SER A 240 10.58 17.37 -20.97
CA SER A 240 11.90 17.66 -21.61
CA SER A 240 11.87 17.64 -21.65
CA SER A 240 11.90 17.66 -21.61
CA SER A 240 11.87 17.64 -21.65
C SER A 240 13.01 17.06 -20.76
C SER A 240 13.01 17.08 -20.79
C SER A 240 13.01 17.06 -20.76
C SER A 240 13.01 17.08 -20.79
N GLY A 241 13.87 16.26 -21.38
CA GLY A 241 15.03 15.70 -20.73
C GLY A 241 14.74 14.45 -19.90
N ALA A 242 13.50 13.96 -19.86
CA ALA A 242 13.25 12.72 -19.13
C ALA A 242 13.82 11.54 -19.92
N LYS A 243 14.23 10.52 -19.19
CA LYS A 243 14.81 9.36 -19.85
C LYS A 243 14.68 8.20 -18.91
N SER A 244 14.68 6.99 -19.45
CA SER A 244 14.81 5.77 -18.67
C SER A 244 16.29 5.51 -18.43
N SER A 245 16.70 5.42 -17.19
CA SER A 245 18.08 5.17 -16.76
C SER A 245 18.19 3.75 -16.23
N SER A 246 18.95 2.89 -16.94
N SER A 246 18.95 2.91 -16.95
N SER A 246 18.95 2.89 -16.94
N SER A 246 18.95 2.91 -16.95
CA SER A 246 19.27 1.51 -16.50
CA SER A 246 19.29 1.53 -16.52
CA SER A 246 19.27 1.51 -16.50
CA SER A 246 19.29 1.53 -16.52
C SER A 246 20.10 1.57 -15.21
C SER A 246 20.09 1.57 -15.21
C SER A 246 20.10 1.57 -15.21
C SER A 246 20.09 1.57 -15.21
N SER A 247 20.99 2.55 -15.07
CA SER A 247 21.88 2.67 -13.88
C SER A 247 21.05 3.06 -12.65
N VAL A 248 20.09 3.95 -12.79
CA VAL A 248 19.25 4.37 -11.63
C VAL A 248 18.11 3.38 -11.42
N GLY A 249 17.58 2.75 -12.46
CA GLY A 249 16.49 1.76 -12.35
C GLY A 249 15.10 2.32 -12.60
N GLY A 250 15.00 3.28 -13.49
CA GLY A 250 13.70 3.78 -13.93
C GLY A 250 13.86 5.12 -14.63
N TYR A 251 12.73 5.70 -14.93
CA TYR A 251 12.62 7.06 -15.51
C TYR A 251 13.07 8.08 -14.49
N VAL A 252 13.92 8.95 -14.98
CA VAL A 252 14.42 10.15 -14.26
C VAL A 252 14.12 11.34 -15.13
N PHE A 253 14.12 12.50 -14.52
CA PHE A 253 13.76 13.75 -15.20
C PHE A 253 14.49 14.89 -14.52
N PRO A 254 14.68 16.03 -15.23
CA PRO A 254 15.35 17.16 -14.60
C PRO A 254 14.54 17.67 -13.45
N CYS A 255 15.18 17.90 -12.32
CA CYS A 255 14.47 18.41 -11.14
C CYS A 255 13.88 19.81 -11.40
N SER A 256 14.40 20.51 -12.39
CA SER A 256 13.84 21.83 -12.81
C SER A 256 12.53 21.71 -13.58
N ALA A 257 12.07 20.52 -13.93
CA ALA A 257 10.83 20.36 -14.71
C ALA A 257 9.61 20.60 -13.86
N THR A 258 8.56 21.08 -14.52
CA THR A 258 7.17 21.06 -14.02
C THR A 258 6.50 19.89 -14.74
N LEU A 259 6.00 18.92 -13.99
CA LEU A 259 5.46 17.66 -14.57
C LEU A 259 4.01 17.86 -14.95
N PRO A 260 3.58 17.21 -16.04
CA PRO A 260 2.18 17.13 -16.39
C PRO A 260 1.43 16.17 -15.47
N SER A 261 0.14 16.41 -15.39
CA SER A 261 -0.76 15.50 -14.69
C SER A 261 -0.87 14.17 -15.43
N PHE A 262 -1.43 13.19 -14.77
CA PHE A 262 -1.74 11.89 -15.35
C PHE A 262 -3.16 11.53 -14.93
N THR A 263 -4.01 11.22 -15.90
CA THR A 263 -5.40 10.82 -15.61
C THR A 263 -5.58 9.34 -15.85
N PHE A 264 -6.24 8.63 -14.97
CA PHE A 264 -6.63 7.23 -15.24
C PHE A 264 -8.16 7.09 -15.19
N GLY A 265 -8.69 6.19 -16.00
CA GLY A 265 -10.15 5.95 -16.08
C GLY A 265 -10.58 4.91 -15.07
N VAL A 266 -11.76 5.18 -14.49
CA VAL A 266 -12.51 4.23 -13.65
C VAL A 266 -13.90 4.21 -14.25
N GLY A 267 -14.19 3.17 -15.03
CA GLY A 267 -15.42 3.21 -15.83
C GLY A 267 -15.42 4.47 -16.66
N SER A 268 -16.54 5.21 -16.69
N SER A 268 -16.55 5.20 -16.67
N SER A 268 -16.54 5.21 -16.69
N SER A 268 -16.55 5.20 -16.67
CA SER A 268 -16.66 6.49 -17.41
CA SER A 268 -16.71 6.48 -17.39
CA SER A 268 -16.66 6.49 -17.41
CA SER A 268 -16.71 6.48 -17.39
C SER A 268 -16.09 7.66 -16.62
C SER A 268 -16.10 7.66 -16.62
C SER A 268 -16.09 7.66 -16.62
C SER A 268 -16.10 7.66 -16.62
N ALA A 269 -15.64 7.43 -15.39
CA ALA A 269 -15.08 8.49 -14.56
C ALA A 269 -13.55 8.63 -14.78
N ARG A 270 -13.02 9.69 -14.23
CA ARG A 270 -11.59 10.03 -14.41
C ARG A 270 -11.03 10.48 -13.09
N ILE A 271 -9.86 9.98 -12.76
CA ILE A 271 -9.08 10.43 -11.57
C ILE A 271 -7.83 11.10 -12.11
N VAL A 272 -7.62 12.33 -11.69
CA VAL A 272 -6.47 13.15 -12.14
C VAL A 272 -5.41 13.18 -11.07
N ILE A 273 -4.22 12.68 -11.40
CA ILE A 273 -3.03 12.73 -10.51
C ILE A 273 -2.27 13.99 -10.86
N PRO A 274 -2.22 15.04 -10.00
CA PRO A 274 -1.47 16.25 -10.32
C PRO A 274 -0.03 15.90 -10.60
N GLY A 275 0.60 16.69 -11.49
CA GLY A 275 2.02 16.49 -11.79
C GLY A 275 2.94 16.46 -10.59
N ASP A 276 2.69 17.30 -9.59
N ASP A 276 2.73 17.27 -9.56
N ASP A 276 2.69 17.30 -9.59
N ASP A 276 2.73 17.27 -9.56
CA ASP A 276 3.60 17.34 -8.42
CA ASP A 276 3.69 17.31 -8.41
CA ASP A 276 3.60 17.34 -8.42
CA ASP A 276 3.69 17.31 -8.41
C ASP A 276 3.61 15.97 -7.70
C ASP A 276 3.52 16.06 -7.53
C ASP A 276 3.61 15.97 -7.70
C ASP A 276 3.52 16.06 -7.53
N TYR A 277 2.53 15.20 -7.78
CA TYR A 277 2.46 13.89 -7.11
C TYR A 277 3.49 12.93 -7.72
N ILE A 278 3.93 13.19 -8.94
CA ILE A 278 4.79 12.28 -9.71
C ILE A 278 6.27 12.58 -9.48
N ASP A 279 6.58 13.64 -8.71
N ASP A 279 6.58 13.64 -8.71
N ASP A 279 6.58 13.64 -8.71
N ASP A 279 6.58 13.64 -8.71
CA ASP A 279 7.99 14.03 -8.40
CA ASP A 279 7.99 14.03 -8.40
CA ASP A 279 7.99 14.03 -8.40
CA ASP A 279 7.99 14.03 -8.40
C ASP A 279 8.46 13.32 -7.12
C ASP A 279 8.46 13.32 -7.12
C ASP A 279 8.46 13.32 -7.12
C ASP A 279 8.46 13.32 -7.12
N PHE A 280 9.43 12.40 -7.25
CA PHE A 280 10.02 11.72 -6.07
C PHE A 280 11.41 12.25 -5.76
N GLY A 281 11.73 13.43 -6.24
CA GLY A 281 12.90 14.15 -5.74
C GLY A 281 14.21 13.59 -6.28
N PRO A 282 15.32 14.21 -5.80
CA PRO A 282 16.64 13.86 -6.31
C PRO A 282 16.96 12.37 -6.19
N ILE A 283 17.65 11.81 -7.17
CA ILE A 283 17.96 10.37 -7.16
C ILE A 283 18.91 10.08 -6.01
N SER A 284 19.75 11.00 -5.68
CA SER A 284 20.72 10.97 -4.56
C SER A 284 20.77 12.38 -4.04
N THR A 285 21.15 12.52 -2.79
CA THR A 285 21.11 13.81 -2.18
C THR A 285 21.89 14.87 -2.98
N GLY A 286 21.30 16.01 -3.30
CA GLY A 286 21.92 17.10 -4.03
C GLY A 286 21.95 16.97 -5.55
N SER A 287 21.48 15.84 -6.07
CA SER A 287 21.41 15.65 -7.53
C SER A 287 20.36 16.55 -8.17
N SER A 288 20.59 16.97 -9.39
CA SER A 288 19.53 17.64 -10.19
C SER A 288 18.76 16.67 -11.09
N SER A 289 19.00 15.36 -10.96
N SER A 289 19.01 15.36 -10.97
N SER A 289 19.00 15.36 -10.96
N SER A 289 19.01 15.36 -10.97
CA SER A 289 18.18 14.31 -11.59
CA SER A 289 18.21 14.30 -11.62
CA SER A 289 18.18 14.31 -11.59
CA SER A 289 18.21 14.30 -11.62
C SER A 289 17.18 13.82 -10.57
C SER A 289 17.19 13.80 -10.58
C SER A 289 17.18 13.82 -10.57
C SER A 289 17.19 13.80 -10.58
N CYS A 290 15.90 13.85 -10.93
CA CYS A 290 14.81 13.50 -10.04
C CYS A 290 14.19 12.18 -10.48
N PHE A 291 13.66 11.44 -9.53
CA PHE A 291 13.10 10.11 -9.82
C PHE A 291 11.61 10.23 -10.09
N GLY A 292 11.15 9.60 -11.17
CA GLY A 292 9.73 9.65 -11.54
C GLY A 292 8.83 8.77 -10.73
N GLY A 293 7.61 9.24 -10.54
CA GLY A 293 6.57 8.52 -9.81
C GLY A 293 5.75 7.56 -10.63
N ILE A 294 5.90 7.60 -11.94
CA ILE A 294 5.26 6.68 -12.89
C ILE A 294 6.39 5.89 -13.50
N GLN A 295 6.34 4.56 -13.39
CA GLN A 295 7.42 3.69 -13.86
C GLN A 295 6.80 2.51 -14.61
N SER A 296 7.62 1.85 -15.41
CA SER A 296 7.15 0.69 -16.18
C SER A 296 6.94 -0.51 -15.28
N SER A 297 5.86 -1.22 -15.54
CA SER A 297 5.59 -2.52 -14.89
C SER A 297 6.20 -3.68 -15.67
N ALA A 298 6.93 -3.43 -16.76
N ALA A 298 6.87 -3.43 -16.79
N ALA A 298 6.93 -3.43 -16.76
N ALA A 298 6.87 -3.43 -16.79
CA ALA A 298 7.54 -4.52 -17.55
CA ALA A 298 7.31 -4.51 -17.71
CA ALA A 298 7.54 -4.52 -17.55
CA ALA A 298 7.31 -4.51 -17.71
C ALA A 298 8.58 -5.25 -16.68
C ALA A 298 8.07 -5.60 -16.95
C ALA A 298 8.58 -5.25 -16.68
C ALA A 298 8.07 -5.60 -16.95
N GLY A 299 8.43 -6.56 -16.53
N GLY A 299 8.88 -5.25 -15.95
N GLY A 299 8.43 -6.56 -16.53
N GLY A 299 8.88 -5.25 -15.95
CA GLY A 299 9.30 -7.40 -15.70
CA GLY A 299 9.74 -6.18 -15.18
CA GLY A 299 9.30 -7.40 -15.70
CA GLY A 299 9.74 -6.18 -15.18
C GLY A 299 8.69 -7.67 -14.34
C GLY A 299 9.03 -6.84 -13.99
C GLY A 299 8.69 -7.67 -14.34
C GLY A 299 9.03 -6.84 -13.99
N ILE A 300 7.70 -6.88 -13.90
N ILE A 300 7.74 -6.55 -13.75
N ILE A 300 7.70 -6.88 -13.90
N ILE A 300 7.74 -6.55 -13.75
CA ILE A 300 7.02 -7.07 -12.58
CA ILE A 300 6.94 -6.99 -12.55
CA ILE A 300 7.02 -7.07 -12.58
CA ILE A 300 6.94 -6.99 -12.55
C ILE A 300 5.84 -8.02 -12.81
C ILE A 300 5.98 -8.13 -12.89
C ILE A 300 5.84 -8.02 -12.81
C ILE A 300 5.98 -8.13 -12.89
N GLY A 301 5.29 -8.08 -14.03
CA GLY A 301 4.25 -9.04 -14.37
C GLY A 301 2.86 -8.63 -13.93
N ILE A 302 2.71 -7.43 -13.34
CA ILE A 302 1.41 -6.83 -13.00
C ILE A 302 1.55 -5.29 -12.99
N ASN A 303 0.45 -4.66 -13.36
CA ASN A 303 0.36 -3.20 -13.19
C ASN A 303 -0.04 -2.91 -11.73
N ILE A 304 0.51 -1.83 -11.20
CA ILE A 304 0.26 -1.53 -9.76
C ILE A 304 -0.16 -0.10 -9.62
N PHE A 305 -1.40 0.12 -9.20
N PHE A 305 -1.40 0.12 -9.20
N PHE A 305 -1.40 0.12 -9.20
N PHE A 305 -1.40 0.12 -9.20
CA PHE A 305 -1.92 1.44 -8.79
CA PHE A 305 -1.92 1.44 -8.79
CA PHE A 305 -1.92 1.44 -8.79
CA PHE A 305 -1.92 1.44 -8.79
C PHE A 305 -1.51 1.65 -7.34
C PHE A 305 -1.51 1.65 -7.34
C PHE A 305 -1.51 1.65 -7.34
C PHE A 305 -1.51 1.65 -7.34
N GLY A 306 -0.29 2.11 -7.15
CA GLY A 306 0.24 2.38 -5.83
C GLY A 306 -0.16 3.76 -5.33
N ASP A 307 0.55 4.18 -4.30
CA ASP A 307 0.18 5.39 -3.57
C ASP A 307 0.07 6.60 -4.49
N VAL A 308 0.96 6.77 -5.46
CA VAL A 308 0.89 7.92 -6.39
C VAL A 308 -0.50 8.04 -6.98
N ALA A 309 -1.08 6.94 -7.39
CA ALA A 309 -2.43 6.94 -7.95
C ALA A 309 -3.50 7.03 -6.87
N LEU A 310 -3.37 6.20 -5.83
CA LEU A 310 -4.47 6.11 -4.85
C LEU A 310 -4.63 7.40 -4.06
N LYS A 311 -3.54 8.13 -3.81
N LYS A 311 -3.56 8.15 -3.81
N LYS A 311 -3.54 8.13 -3.81
N LYS A 311 -3.56 8.15 -3.81
CA LYS A 311 -3.60 9.37 -3.00
CA LYS A 311 -3.68 9.36 -2.97
CA LYS A 311 -3.60 9.37 -3.00
CA LYS A 311 -3.68 9.36 -2.97
C LYS A 311 -4.36 10.48 -3.74
C LYS A 311 -4.35 10.49 -3.74
C LYS A 311 -4.36 10.47 -3.73
C LYS A 311 -4.36 10.49 -3.74
N ALA A 312 -4.56 10.34 -5.04
CA ALA A 312 -5.37 11.29 -5.81
C ALA A 312 -6.87 11.00 -5.65
N ALA A 313 -7.25 9.96 -4.97
CA ALA A 313 -8.66 9.54 -4.88
C ALA A 313 -9.05 9.20 -3.47
N PHE A 314 -10.36 9.15 -3.26
CA PHE A 314 -10.97 8.46 -2.10
C PHE A 314 -11.30 7.07 -2.61
N VAL A 315 -10.79 6.04 -1.99
CA VAL A 315 -10.84 4.66 -2.53
C VAL A 315 -11.63 3.78 -1.58
N VAL A 316 -12.65 3.14 -2.09
CA VAL A 316 -13.49 2.19 -1.33
C VAL A 316 -13.11 0.76 -1.68
N PHE A 317 -12.72 0.01 -0.69
CA PHE A 317 -12.43 -1.42 -0.78
C PHE A 317 -13.68 -2.10 -0.25
N ASN A 318 -14.55 -2.50 -1.18
CA ASN A 318 -15.87 -3.10 -0.84
C ASN A 318 -15.72 -4.59 -0.72
N GLY A 319 -15.77 -5.12 0.49
CA GLY A 319 -15.64 -6.56 0.78
C GLY A 319 -17.00 -7.25 0.89
N ALA A 320 -18.01 -6.78 0.21
CA ALA A 320 -19.28 -7.53 0.03
C ALA A 320 -19.00 -8.88 -0.64
N THR A 321 -20.02 -9.76 -0.60
CA THR A 321 -19.88 -11.15 -1.12
C THR A 321 -19.20 -11.14 -2.49
N THR A 322 -19.62 -10.21 -3.36
CA THR A 322 -18.87 -9.90 -4.60
C THR A 322 -18.07 -8.61 -4.38
N PRO A 323 -16.75 -8.70 -4.11
CA PRO A 323 -16.00 -7.45 -3.86
C PRO A 323 -15.98 -6.52 -5.05
N THR A 324 -15.91 -5.24 -4.80
CA THR A 324 -15.72 -4.24 -5.85
C THR A 324 -14.80 -3.14 -5.29
N LEU A 325 -14.27 -2.29 -6.17
N LEU A 325 -14.48 -2.17 -6.14
N LEU A 325 -14.27 -2.29 -6.17
N LEU A 325 -14.48 -2.17 -6.14
CA LEU A 325 -13.53 -1.07 -5.78
CA LEU A 325 -13.53 -1.09 -5.80
CA LEU A 325 -13.53 -1.07 -5.78
CA LEU A 325 -13.53 -1.09 -5.80
C LEU A 325 -14.35 0.15 -6.15
C LEU A 325 -14.14 0.24 -6.27
C LEU A 325 -14.35 0.15 -6.15
C LEU A 325 -14.14 0.24 -6.27
N GLY A 326 -14.29 1.21 -5.37
CA GLY A 326 -14.87 2.48 -5.69
C GLY A 326 -13.82 3.57 -5.69
N PHE A 327 -13.89 4.49 -6.61
CA PHE A 327 -13.01 5.67 -6.68
C PHE A 327 -13.80 6.93 -6.77
N ALA A 328 -13.47 7.92 -6.00
CA ALA A 328 -14.03 9.28 -6.11
C ALA A 328 -12.88 10.26 -6.17
N SER A 329 -13.09 11.37 -6.82
CA SER A 329 -12.22 12.54 -6.68
C SER A 329 -12.38 13.12 -5.27
N LYS A 330 -11.44 13.98 -4.84
CA LYS A 330 -11.51 14.60 -3.50
C LYS A 330 -10.78 15.95 -3.48
N3 A1CGT B . 10.48 6.37 -4.67
N3 A1CGT B . 10.48 6.37 -4.67
C4 A1CGT B . 9.44 5.52 -4.03
C4 A1CGT B . 9.44 5.52 -4.03
C5 A1CGT B . 9.87 4.09 -3.74
C5 A1CGT B . 9.87 4.09 -3.74
C6 A1CGT B . 9.85 3.18 -4.92
C6 A1CGT B . 9.85 3.18 -4.92
C8 A1CGT B . 12.88 7.14 -4.64
C8 A1CGT B . 12.88 7.14 -4.64
C10 A1CGT B . 14.58 8.73 -5.29
C10 A1CGT B . 14.58 8.73 -5.29
C15 A1CGT B . 16.82 4.24 -7.89
C15 A1CGT B . 16.82 4.24 -7.89
C17 A1CGT B . 14.82 4.23 -7.16
C17 A1CGT B . 14.82 4.23 -7.16
C1 A1CGT B . 11.89 6.19 -2.45
C1 A1CGT B . 11.89 6.19 -2.46
C2 A1CGT B . 11.69 6.75 -3.85
C2 A1CGT B . 11.69 6.75 -3.85
F7 A1CGT B . 8.70 2.40 -4.89
F7 A1CGT B . 8.70 2.39 -4.89
C9 A1CGT B . 13.39 8.42 -4.63
C9 A1CGT B . 13.39 8.42 -4.63
C11 A1CGT B . 15.26 7.72 -5.98
C11 A1CGT B . 15.26 7.72 -5.98
C12 A1CGT B . 14.74 6.44 -6.00
C12 A1CGT B . 14.74 6.44 -6.00
N13 A1CGT B . 15.37 5.42 -6.78
N13 A1CGT B . 15.37 5.42 -6.78
C14 A1CGT B . 16.66 5.42 -7.25
C14 A1CGT B . 16.66 5.42 -7.25
N16 A1CGT B . 15.68 3.49 -7.83
N16 A1CGT B . 15.68 3.49 -7.83
C18 A1CGT B . 13.56 6.16 -5.33
C18 A1CGT B . 13.56 6.16 -5.33
N3 A1CGT C . 11.16 -0.54 2.37
N3 A1CGT C . 11.16 -0.54 2.37
C4 A1CGT C . 10.11 0.47 2.07
C4 A1CGT C . 10.11 0.47 2.07
C5 A1CGT C . 10.77 1.84 2.11
C5 A1CGT C . 10.77 1.83 2.10
C6 A1CGT C . 9.83 2.97 1.85
C6 A1CGT C . 9.83 2.97 1.85
C8 A1CGT C . 10.00 -2.58 1.50
C8 A1CGT C . 10.00 -2.58 1.50
C10 A1CGT C . 10.07 -3.51 -0.72
C10 A1CGT C . 10.07 -3.51 -0.72
C15 A1CGT C . 4.51 -3.73 1.20
C15 A1CGT C . 4.51 -3.73 1.20
C17 A1CGT C . 5.70 -3.69 -0.57
C17 A1CGT C . 5.70 -3.69 -0.57
C1 A1CGT C . 11.85 -2.72 3.21
C1 A1CGT C . 11.85 -2.72 3.21
C2 A1CGT C . 10.67 -1.94 2.69
C2 A1CGT C . 10.67 -1.94 2.69
F7 A1CGT C . 8.54 2.59 2.16
F7 A1CGT C . 8.54 2.59 2.16
C9 A1CGT C . 10.72 -2.97 0.38
C9 A1CGT C . 10.72 -2.97 0.38
C11 A1CGT C . 8.69 -3.68 -0.71
C11 A1CGT C . 8.69 -3.68 -0.71
C12 A1CGT C . 7.96 -3.30 0.41
C12 A1CGT C . 7.96 -3.30 0.41
N13 A1CGT C . 6.55 -3.50 0.47
N13 A1CGT C . 6.55 -3.50 0.47
C14 A1CGT C . 5.77 -3.52 1.61
C14 A1CGT C . 5.77 -3.52 1.61
N16 A1CGT C . 4.46 -3.83 -0.16
N16 A1CGT C . 4.46 -3.83 -0.16
C18 A1CGT C . 8.62 -2.76 1.51
C18 A1CGT C . 8.62 -2.76 1.51
#